data_9FLB
#
_entry.id   9FLB
#
_cell.length_a   77.750
_cell.length_b   79.064
_cell.length_c   80.142
_cell.angle_alpha   90.00
_cell.angle_beta   90.00
_cell.angle_gamma   90.00
#
_symmetry.space_group_name_H-M   'P 21 21 21'
#
loop_
_entity.id
_entity.type
_entity.pdbx_description
1 polymer 'Serine/threonine-protein kinase haspin'
2 non-polymer 'SODIUM ION'
3 non-polymer 5-(1-methylpyrazol-4-yl)-3-pyridin-4-yl-thieno[3,2-b]pyridine
4 water water
#
_entity_poly.entity_id   1
_entity_poly.type   'polypeptide(L)'
_entity_poly.pdbx_seq_one_letter_code
;MHHHHHHSSGVDLGTENLYFQSMGECSQKGPVPFSHCLPTEKLQRCEKIGEGVFGEVFQTIADHTPVAIKIIAIEGPDLV
NGSHQKTFEEILPEIIISKELSLLSGEVCNRTEGFIGLNSVHCVQGSYPPLLLKAWDHYNSTKGSANDRPDFFKDDQLFI
VLEFEFGGIDLEQMRTKLSSLATAKSILHQLTASLAVAEASLRFEHRDLHWGNVLLKKTSLKKLHYTLNGKSSTIPSCGL
QVSIIDYTLSRLERDGIVVFCDVSMDEDLFTGDGDYQFDIYRLMKKENNNRWGEYHPYSNVLWLHYLTDKMLKQMTFKTK
CNTPAMKQIKRKIQEFHRTMLNFSSATDLLCQHSLFK
;
_entity_poly.pdbx_strand_id   A
#
loop_
_chem_comp.id
_chem_comp.type
_chem_comp.name
_chem_comp.formula
A1IDB non-polymer 5-(1-methylpyrazol-4-yl)-3-pyridin-4-yl-thieno[3,2-b]pyridine 'C16 H12 N4 S'
NA non-polymer 'SODIUM ION' 'Na 1'
#
# COMPACT_ATOMS: atom_id res chain seq x y z
N GLY A 30 -13.78 -21.67 -13.84
CA GLY A 30 -12.63 -21.57 -14.78
C GLY A 30 -12.26 -20.12 -15.09
N PRO A 31 -11.17 -19.88 -15.85
CA PRO A 31 -10.79 -18.53 -16.28
C PRO A 31 -11.84 -17.89 -17.20
N VAL A 32 -11.67 -16.61 -17.51
CA VAL A 32 -12.63 -15.80 -18.32
C VAL A 32 -11.83 -14.91 -19.27
N PRO A 33 -12.35 -14.55 -20.45
CA PRO A 33 -11.64 -13.66 -21.34
C PRO A 33 -11.49 -12.29 -20.68
N PHE A 34 -10.47 -11.54 -21.03
CA PHE A 34 -10.23 -10.18 -20.53
C PHE A 34 -11.56 -9.39 -20.51
N SER A 35 -12.48 -9.71 -21.43
CA SER A 35 -13.73 -8.94 -21.67
C SER A 35 -14.72 -9.07 -20.49
N HIS A 36 -14.54 -10.07 -19.63
CA HIS A 36 -15.37 -10.32 -18.41
C HIS A 36 -15.08 -9.24 -17.34
N CYS A 37 -13.80 -8.96 -17.06
CA CYS A 37 -13.36 -7.85 -16.17
C CYS A 37 -13.49 -6.52 -16.88
N LEU A 38 -13.05 -6.50 -18.14
CA LEU A 38 -12.80 -5.26 -18.90
C LEU A 38 -13.58 -5.31 -20.19
N PRO A 39 -14.89 -5.05 -20.14
CA PRO A 39 -15.67 -4.86 -21.34
C PRO A 39 -15.24 -3.57 -22.05
N THR A 40 -15.56 -3.45 -23.32
CA THR A 40 -15.03 -2.43 -24.26
C THR A 40 -14.90 -1.07 -23.55
N GLU A 41 -16.02 -0.51 -23.07
CA GLU A 41 -16.12 0.88 -22.54
C GLU A 41 -15.09 1.07 -21.42
N LYS A 42 -15.03 0.11 -20.50
CA LYS A 42 -14.11 0.11 -19.34
C LYS A 42 -12.66 0.00 -19.84
N LEU A 43 -12.44 -0.88 -20.81
CA LEU A 43 -11.12 -1.15 -21.41
C LEU A 43 -10.63 0.10 -22.18
N GLN A 44 -11.56 0.81 -22.82
CA GLN A 44 -11.29 2.02 -23.67
C GLN A 44 -10.83 3.20 -22.81
N ARG A 45 -11.26 3.26 -21.56
CA ARG A 45 -11.03 4.41 -20.67
C ARG A 45 -9.74 4.18 -19.84
N CYS A 46 -9.08 3.02 -19.99
CA CYS A 46 -7.83 2.66 -19.25
C CYS A 46 -6.71 3.68 -19.56
N GLU A 47 -6.14 4.31 -18.53
CA GLU A 47 -4.81 4.99 -18.54
C GLU A 47 -3.90 4.27 -17.56
N LYS A 48 -2.67 3.98 -17.95
CA LYS A 48 -1.65 3.36 -17.06
C LYS A 48 -1.20 4.40 -16.03
N ILE A 49 -1.05 3.98 -14.76
CA ILE A 49 -0.69 4.90 -13.64
C ILE A 49 0.52 4.35 -12.88
N GLY A 50 0.98 3.15 -13.22
CA GLY A 50 1.79 2.35 -12.29
C GLY A 50 2.35 1.10 -12.94
N GLU A 51 3.42 0.59 -12.36
CA GLU A 51 4.18 -0.56 -12.86
C GLU A 51 5.15 -1.03 -11.77
N GLY A 52 5.40 -2.32 -11.76
CA GLY A 52 6.62 -2.93 -11.21
C GLY A 52 6.93 -4.20 -11.96
N VAL A 53 7.87 -4.99 -11.45
CA VAL A 53 8.30 -6.26 -12.05
C VAL A 53 7.09 -7.20 -12.11
N PHE A 54 6.23 -7.14 -11.08
CA PHE A 54 4.99 -7.94 -10.92
C PHE A 54 4.11 -7.84 -12.17
N GLY A 55 4.15 -6.69 -12.86
CA GLY A 55 3.25 -6.39 -14.01
C GLY A 55 2.82 -4.92 -14.01
N GLU A 56 1.52 -4.67 -14.27
CA GLU A 56 0.99 -3.36 -14.70
C GLU A 56 -0.22 -2.94 -13.83
N VAL A 57 -0.37 -1.64 -13.61
CA VAL A 57 -1.52 -1.02 -12.90
C VAL A 57 -2.15 0.04 -13.80
N PHE A 58 -3.44 -0.11 -14.08
CA PHE A 58 -4.22 0.83 -14.92
C PHE A 58 -5.27 1.49 -14.06
N GLN A 59 -5.71 2.67 -14.45
CA GLN A 59 -6.90 3.36 -13.92
C GLN A 59 -7.95 3.44 -15.02
N THR A 60 -9.19 3.08 -14.72
CA THR A 60 -10.34 3.22 -15.63
C THR A 60 -11.59 3.67 -14.85
N ILE A 61 -12.67 3.84 -15.56
CA ILE A 61 -13.96 4.36 -15.04
C ILE A 61 -15.05 3.36 -15.42
N ALA A 62 -15.77 2.86 -14.42
CA ALA A 62 -17.00 2.06 -14.58
C ALA A 62 -18.09 2.67 -13.67
N ASP A 63 -19.31 2.80 -14.20
CA ASP A 63 -20.45 3.46 -13.51
C ASP A 63 -19.94 4.75 -12.83
N HIS A 64 -19.24 5.59 -13.58
CA HIS A 64 -18.86 7.00 -13.27
C HIS A 64 -17.86 7.04 -12.12
N THR A 65 -17.23 5.91 -11.82
CA THR A 65 -16.35 5.74 -10.64
C THR A 65 -14.97 5.27 -11.08
N PRO A 66 -13.89 6.00 -10.73
CA PRO A 66 -12.53 5.54 -11.03
C PRO A 66 -12.18 4.30 -10.21
N VAL A 67 -11.47 3.36 -10.81
CA VAL A 67 -10.91 2.16 -10.13
C VAL A 67 -9.51 1.88 -10.68
N ALA A 68 -8.70 1.13 -9.93
CA ALA A 68 -7.33 0.76 -10.27
C ALA A 68 -7.25 -0.74 -10.55
N ILE A 69 -6.68 -1.13 -11.69
CA ILE A 69 -6.53 -2.55 -12.13
C ILE A 69 -5.04 -2.90 -12.06
N LYS A 70 -4.70 -3.83 -11.20
CA LYS A 70 -3.40 -4.49 -11.20
C LYS A 70 -3.52 -5.78 -12.02
N ILE A 71 -2.66 -5.97 -13.02
CA ILE A 71 -2.69 -7.16 -13.89
C ILE A 71 -1.35 -7.89 -13.78
N ILE A 72 -1.41 -9.15 -13.42
CA ILE A 72 -0.26 -10.01 -13.14
C ILE A 72 -0.37 -11.22 -14.04
N ALA A 73 0.61 -11.43 -14.92
CA ALA A 73 0.79 -12.67 -15.67
C ALA A 73 1.21 -13.75 -14.69
N ILE A 74 0.58 -14.92 -14.74
CA ILE A 74 0.94 -16.05 -13.85
C ILE A 74 1.09 -17.35 -14.66
N GLU A 75 1.98 -18.24 -14.21
CA GLU A 75 2.04 -19.68 -14.59
C GLU A 75 2.88 -19.86 -15.87
N GLY A 76 3.31 -18.74 -16.48
CA GLY A 76 3.95 -18.73 -17.81
C GLY A 76 5.45 -18.99 -17.71
N PRO A 77 6.08 -19.49 -18.79
CA PRO A 77 7.51 -19.76 -18.80
C PRO A 77 8.35 -18.50 -19.06
N ASP A 78 7.81 -17.58 -19.89
CA ASP A 78 8.45 -16.29 -20.29
C ASP A 78 8.83 -15.49 -19.05
N LEU A 79 10.02 -14.90 -19.03
CA LEU A 79 10.37 -13.77 -18.12
C LEU A 79 9.44 -12.59 -18.42
N VAL A 80 9.09 -11.81 -17.42
CA VAL A 80 8.34 -10.54 -17.59
C VAL A 80 9.03 -9.45 -16.77
N ASN A 81 9.44 -8.38 -17.42
CA ASN A 81 10.21 -7.27 -16.80
C ASN A 81 11.47 -7.84 -16.13
N GLY A 82 11.93 -9.03 -16.56
CA GLY A 82 13.25 -9.60 -16.24
C GLY A 82 13.20 -10.64 -15.10
N SER A 83 12.00 -11.09 -14.70
CA SER A 83 11.79 -12.13 -13.65
C SER A 83 10.77 -13.18 -14.12
N HIS A 84 10.82 -14.38 -13.52
CA HIS A 84 9.87 -15.49 -13.74
C HIS A 84 8.50 -15.07 -13.20
N GLN A 85 7.46 -15.30 -13.97
CA GLN A 85 6.07 -15.17 -13.54
C GLN A 85 5.90 -15.96 -12.24
N LYS A 86 4.97 -15.53 -11.40
CA LYS A 86 4.56 -16.24 -10.18
C LYS A 86 3.55 -17.31 -10.55
N THR A 87 3.53 -18.41 -9.80
CA THR A 87 2.49 -19.45 -9.83
C THR A 87 1.24 -18.86 -9.21
N PHE A 88 0.08 -19.49 -9.41
CA PHE A 88 -1.20 -19.10 -8.77
C PHE A 88 -1.03 -19.15 -7.24
N GLU A 89 -0.47 -20.25 -6.75
CA GLU A 89 -0.11 -20.49 -5.33
C GLU A 89 0.64 -19.25 -4.78
N GLU A 90 1.57 -18.68 -5.54
CA GLU A 90 2.49 -17.61 -5.06
C GLU A 90 1.76 -16.27 -5.03
N ILE A 91 0.60 -16.16 -5.70
CA ILE A 91 -0.16 -14.88 -5.87
C ILE A 91 -1.33 -14.85 -4.87
N LEU A 92 -1.76 -16.03 -4.40
CA LEU A 92 -2.82 -16.20 -3.37
C LEU A 92 -2.57 -15.30 -2.17
N PRO A 93 -1.35 -15.25 -1.61
CA PRO A 93 -1.09 -14.43 -0.44
C PRO A 93 -1.58 -12.98 -0.61
N GLU A 94 -1.18 -12.32 -1.70
CA GLU A 94 -1.60 -10.92 -1.99
C GLU A 94 -3.13 -10.86 -2.07
N ILE A 95 -3.76 -11.85 -2.69
CA ILE A 95 -5.24 -11.89 -2.90
C ILE A 95 -5.91 -11.94 -1.53
N ILE A 96 -5.46 -12.85 -0.68
CA ILE A 96 -6.04 -13.10 0.66
C ILE A 96 -5.84 -11.85 1.52
N ILE A 97 -4.65 -11.28 1.51
CA ILE A 97 -4.33 -10.15 2.42
C ILE A 97 -5.11 -8.92 1.95
N SER A 98 -5.20 -8.70 0.64
CA SER A 98 -6.02 -7.62 0.03
C SER A 98 -7.48 -7.76 0.50
N LYS A 99 -8.04 -8.96 0.42
CA LYS A 99 -9.43 -9.24 0.85
C LYS A 99 -9.58 -8.91 2.35
N GLU A 100 -8.68 -9.39 3.20
CA GLU A 100 -8.80 -9.27 4.67
C GLU A 100 -8.72 -7.79 5.06
N LEU A 101 -7.79 -7.03 4.48
CA LEU A 101 -7.62 -5.61 4.84
C LEU A 101 -8.79 -4.82 4.28
N SER A 102 -9.28 -5.18 3.13
CA SER A 102 -10.47 -4.53 2.55
C SER A 102 -11.64 -4.70 3.55
N LEU A 103 -11.84 -5.93 4.07
CA LEU A 103 -13.01 -6.32 4.90
C LEU A 103 -13.00 -5.56 6.23
N LEU A 104 -11.87 -4.97 6.59
CA LEU A 104 -11.74 -4.21 7.85
C LEU A 104 -12.68 -3.00 7.83
N SER A 105 -13.03 -2.49 6.65
CA SER A 105 -13.88 -1.27 6.52
C SER A 105 -15.29 -1.59 6.99
N GLY A 106 -15.65 -2.87 6.97
CA GLY A 106 -16.99 -3.36 7.32
C GLY A 106 -17.06 -4.04 8.69
N GLU A 107 -15.94 -4.12 9.45
CA GLU A 107 -15.89 -4.86 10.75
C GLU A 107 -16.35 -3.93 11.90
N VAL A 108 -16.38 -4.44 13.13
CA VAL A 108 -16.96 -3.73 14.29
C VAL A 108 -15.86 -3.48 15.34
N CYS A 109 -15.24 -4.53 15.86
CA CYS A 109 -14.26 -4.48 16.98
C CYS A 109 -12.97 -3.88 16.47
N ASN A 110 -12.61 -4.22 15.24
CA ASN A 110 -11.37 -3.77 14.57
C ASN A 110 -11.74 -3.31 13.17
N ARG A 111 -12.09 -2.01 13.08
CA ARG A 111 -12.64 -1.36 11.86
CA ARG A 111 -12.63 -1.37 11.86
C ARG A 111 -11.69 -0.21 11.46
N THR A 112 -11.25 -0.20 10.21
CA THR A 112 -10.47 0.90 9.59
C THR A 112 -10.79 0.92 8.12
N GLU A 113 -10.72 2.11 7.48
CA GLU A 113 -10.86 2.27 6.01
C GLU A 113 -9.49 2.66 5.38
N GLY A 114 -8.42 2.63 6.17
CA GLY A 114 -7.09 3.14 5.78
C GLY A 114 -6.27 2.14 5.00
N PHE A 115 -6.82 0.99 4.66
CA PHE A 115 -6.35 0.13 3.55
C PHE A 115 -7.21 0.42 2.31
N ILE A 116 -7.04 -0.34 1.26
CA ILE A 116 -7.65 -0.03 -0.07
C ILE A 116 -8.74 -1.06 -0.34
N GLY A 117 -9.91 -0.59 -0.73
CA GLY A 117 -11.03 -1.46 -1.08
C GLY A 117 -10.65 -2.37 -2.19
N LEU A 118 -10.87 -3.66 -2.02
CA LEU A 118 -10.78 -4.67 -3.10
C LEU A 118 -12.17 -4.92 -3.65
N ASN A 119 -12.42 -4.50 -4.89
CA ASN A 119 -13.71 -4.68 -5.62
C ASN A 119 -13.83 -6.11 -6.09
N SER A 120 -12.80 -6.67 -6.69
CA SER A 120 -12.89 -8.00 -7.33
C SER A 120 -11.52 -8.57 -7.65
N VAL A 121 -11.52 -9.84 -7.95
CA VAL A 121 -10.35 -10.62 -8.38
C VAL A 121 -10.83 -11.57 -9.47
N HIS A 122 -10.16 -11.58 -10.61
CA HIS A 122 -10.47 -12.52 -11.72
C HIS A 122 -9.21 -13.24 -12.11
N CYS A 123 -9.36 -14.49 -12.51
CA CYS A 123 -8.42 -15.18 -13.39
C CYS A 123 -8.87 -15.01 -14.84
N VAL A 124 -8.03 -14.37 -15.64
CA VAL A 124 -8.26 -14.08 -17.08
C VAL A 124 -7.30 -14.93 -17.93
N GLN A 125 -7.74 -15.30 -19.15
CA GLN A 125 -6.91 -15.98 -20.19
C GLN A 125 -6.99 -15.21 -21.52
N GLY A 126 -5.86 -15.01 -22.18
CA GLY A 126 -5.77 -14.21 -23.42
C GLY A 126 -4.41 -13.56 -23.60
N SER A 127 -4.09 -13.22 -24.84
CA SER A 127 -3.07 -12.18 -25.15
C SER A 127 -3.56 -10.85 -24.56
N TYR A 128 -2.62 -9.93 -24.32
CA TYR A 128 -2.90 -8.62 -23.71
C TYR A 128 -3.79 -7.82 -24.65
N PRO A 129 -4.94 -7.33 -24.18
CA PRO A 129 -5.75 -6.40 -24.96
C PRO A 129 -4.94 -5.34 -25.68
N PRO A 130 -5.06 -5.23 -27.02
CA PRO A 130 -4.46 -4.12 -27.76
C PRO A 130 -4.69 -2.73 -27.16
N LEU A 131 -5.81 -2.53 -26.46
CA LEU A 131 -6.18 -1.18 -25.90
C LEU A 131 -5.42 -0.91 -24.61
N LEU A 132 -4.94 -1.96 -23.94
CA LEU A 132 -4.03 -1.82 -22.76
C LEU A 132 -2.60 -1.52 -23.26
N LEU A 133 -2.22 -2.07 -24.41
CA LEU A 133 -0.94 -1.75 -25.09
C LEU A 133 -0.92 -0.27 -25.46
N LYS A 134 -2.02 0.25 -25.98
CA LYS A 134 -2.16 1.66 -26.33
C LYS A 134 -1.88 2.52 -25.08
N ALA A 135 -2.63 2.30 -24.00
CA ALA A 135 -2.45 2.96 -22.67
C ALA A 135 -1.00 2.80 -22.16
N TRP A 136 -0.42 1.61 -22.34
CA TRP A 136 0.97 1.27 -21.91
C TRP A 136 1.97 2.16 -22.67
N ASP A 137 1.78 2.29 -23.99
CA ASP A 137 2.61 3.11 -24.91
C ASP A 137 2.59 4.56 -24.45
N HIS A 138 1.40 5.14 -24.24
CA HIS A 138 1.24 6.58 -23.90
C HIS A 138 2.05 6.87 -22.63
N TYR A 139 1.94 6.00 -21.64
CA TYR A 139 2.69 6.09 -20.37
C TYR A 139 4.19 6.09 -20.68
N ASN A 140 4.63 5.17 -21.54
CA ASN A 140 6.07 4.93 -21.86
C ASN A 140 6.66 6.16 -22.58
N SER A 141 5.89 6.77 -23.48
CA SER A 141 6.23 8.04 -24.17
C SER A 141 6.39 9.18 -23.15
N THR A 142 5.30 9.55 -22.47
CA THR A 142 5.19 10.78 -21.64
C THR A 142 6.10 10.66 -20.42
N LYS A 143 6.16 9.49 -19.79
CA LYS A 143 6.75 9.30 -18.43
C LYS A 143 7.93 8.31 -18.48
N GLY A 144 7.93 7.36 -19.44
CA GLY A 144 8.99 6.33 -19.61
C GLY A 144 8.81 5.14 -18.66
N SER A 145 9.00 3.92 -19.16
CA SER A 145 8.75 2.65 -18.42
C SER A 145 10.01 1.77 -18.40
N ALA A 146 10.20 1.06 -17.29
CA ALA A 146 11.29 0.08 -17.05
C ALA A 146 10.89 -1.31 -17.57
N ASN A 147 9.65 -1.46 -18.01
CA ASN A 147 8.97 -2.77 -18.20
C ASN A 147 9.06 -3.17 -19.66
N ASP A 148 9.06 -4.48 -19.94
CA ASP A 148 8.81 -5.00 -21.31
C ASP A 148 7.39 -4.60 -21.71
N ARG A 149 7.22 -4.07 -22.91
CA ARG A 149 5.93 -3.97 -23.57
C ARG A 149 5.26 -5.34 -23.50
N PRO A 150 4.06 -5.44 -22.88
CA PRO A 150 3.43 -6.73 -22.65
C PRO A 150 2.65 -7.21 -23.89
N ASP A 151 3.32 -7.26 -25.04
CA ASP A 151 2.68 -7.54 -26.36
C ASP A 151 3.08 -8.94 -26.84
N PHE A 152 3.79 -9.72 -26.01
CA PHE A 152 4.44 -11.00 -26.39
C PHE A 152 3.73 -12.20 -25.76
N PHE A 153 2.55 -11.99 -25.19
CA PHE A 153 1.74 -13.03 -24.49
C PHE A 153 0.82 -13.70 -25.49
N LYS A 154 0.83 -15.03 -25.49
CA LYS A 154 -0.05 -15.91 -26.34
C LYS A 154 -1.46 -15.95 -25.73
N ASP A 155 -2.42 -16.52 -26.47
CA ASP A 155 -3.87 -16.48 -26.14
C ASP A 155 -4.18 -17.51 -25.03
N ASP A 156 -3.16 -18.23 -24.53
CA ASP A 156 -3.29 -19.20 -23.40
C ASP A 156 -2.68 -18.60 -22.11
N GLN A 157 -2.24 -17.33 -22.15
CA GLN A 157 -1.62 -16.65 -20.98
C GLN A 157 -2.70 -16.39 -19.94
N LEU A 158 -2.47 -16.90 -18.72
CA LEU A 158 -3.27 -16.59 -17.50
C LEU A 158 -2.74 -15.30 -16.88
N PHE A 159 -3.66 -14.41 -16.49
CA PHE A 159 -3.37 -13.30 -15.57
C PHE A 159 -4.32 -13.34 -14.38
N ILE A 160 -3.90 -12.70 -13.30
CA ILE A 160 -4.74 -12.25 -12.19
C ILE A 160 -5.01 -10.75 -12.37
N VAL A 161 -6.28 -10.36 -12.34
CA VAL A 161 -6.73 -8.94 -12.40
C VAL A 161 -7.35 -8.61 -11.05
N LEU A 162 -6.69 -7.78 -10.29
CA LEU A 162 -7.18 -7.24 -9.02
C LEU A 162 -7.72 -5.86 -9.29
N GLU A 163 -9.01 -5.66 -9.06
CA GLU A 163 -9.61 -4.33 -9.19
C GLU A 163 -9.77 -3.74 -7.80
N PHE A 164 -9.23 -2.53 -7.61
CA PHE A 164 -9.24 -1.80 -6.32
C PHE A 164 -10.02 -0.50 -6.47
N GLU A 165 -10.60 -0.01 -5.37
CA GLU A 165 -10.91 1.42 -5.19
C GLU A 165 -9.76 2.24 -5.73
N PHE A 166 -10.07 3.37 -6.32
CA PHE A 166 -9.16 4.52 -6.49
C PHE A 166 -8.91 5.14 -5.12
N GLY A 167 -7.63 5.21 -4.70
CA GLY A 167 -7.20 5.79 -3.41
C GLY A 167 -6.58 7.19 -3.54
N GLY A 168 -6.36 7.67 -4.77
CA GLY A 168 -5.72 8.97 -5.04
C GLY A 168 -4.26 8.79 -5.42
N ILE A 169 -3.41 9.76 -5.08
CA ILE A 169 -1.99 9.78 -5.55
C ILE A 169 -1.04 9.59 -4.36
N ASP A 170 0.06 8.87 -4.59
CA ASP A 170 0.93 8.31 -3.55
C ASP A 170 1.81 9.42 -2.96
N LEU A 171 2.42 9.14 -1.81
CA LEU A 171 3.09 10.11 -0.94
C LEU A 171 4.33 10.66 -1.66
N GLU A 172 5.10 9.80 -2.33
CA GLU A 172 6.27 10.15 -3.19
C GLU A 172 5.89 11.30 -4.13
N GLN A 173 4.82 11.13 -4.92
CA GLN A 173 4.37 12.09 -5.95
C GLN A 173 3.61 13.26 -5.31
N MET A 174 3.68 13.40 -3.99
CA MET A 174 3.02 14.51 -3.24
C MET A 174 4.06 15.23 -2.34
N ARG A 175 5.34 14.85 -2.46
CA ARG A 175 6.49 15.59 -1.84
C ARG A 175 6.12 17.07 -1.69
N THR A 176 5.73 17.69 -2.81
CA THR A 176 5.70 19.17 -3.02
C THR A 176 4.26 19.70 -2.86
N LYS A 177 3.29 18.83 -2.63
CA LYS A 177 1.84 19.10 -2.89
C LYS A 177 1.09 19.31 -1.56
N LEU A 178 1.52 18.63 -0.49
CA LEU A 178 0.88 18.70 0.87
C LEU A 178 1.03 20.12 1.40
N SER A 179 0.01 20.61 2.11
CA SER A 179 -0.19 22.05 2.42
C SER A 179 0.71 22.48 3.60
N SER A 180 0.33 22.11 4.82
CA SER A 180 1.08 22.38 6.08
C SER A 180 1.85 21.13 6.51
N LEU A 181 2.28 21.08 7.77
CA LEU A 181 2.88 19.89 8.42
C LEU A 181 1.83 19.19 9.30
N ALA A 182 0.77 19.91 9.69
CA ALA A 182 -0.44 19.39 10.39
C ALA A 182 -1.10 18.28 9.54
N THR A 183 -0.96 18.37 8.23
CA THR A 183 -1.41 17.35 7.26
C THR A 183 -0.60 16.09 7.49
N ALA A 184 0.71 16.23 7.64
CA ALA A 184 1.63 15.09 7.90
C ALA A 184 1.22 14.41 9.21
N LYS A 185 0.67 15.14 10.17
CA LYS A 185 0.23 14.54 11.43
C LYS A 185 -0.96 13.62 11.14
N SER A 186 -1.99 14.14 10.48
CA SER A 186 -3.20 13.38 10.08
C SER A 186 -2.76 12.09 9.38
N ILE A 187 -1.72 12.17 8.58
CA ILE A 187 -1.31 11.03 7.74
C ILE A 187 -0.68 9.97 8.64
N LEU A 188 0.27 10.36 9.49
CA LEU A 188 0.97 9.45 10.40
C LEU A 188 -0.06 8.81 11.36
N HIS A 189 -1.00 9.62 11.84
CA HIS A 189 -2.10 9.18 12.72
C HIS A 189 -2.97 8.13 12.00
N GLN A 190 -3.44 8.44 10.79
CA GLN A 190 -4.25 7.54 9.93
C GLN A 190 -3.49 6.25 9.69
N LEU A 191 -2.21 6.35 9.38
CA LEU A 191 -1.35 5.20 9.08
C LEU A 191 -1.20 4.36 10.34
N THR A 192 -0.88 4.98 11.48
CA THR A 192 -0.63 4.29 12.76
C THR A 192 -1.90 3.56 13.21
N ALA A 193 -3.05 4.24 13.15
CA ALA A 193 -4.37 3.71 13.52
C ALA A 193 -4.68 2.48 12.67
N SER A 194 -4.51 2.60 11.36
CA SER A 194 -4.80 1.54 10.38
C SER A 194 -3.96 0.30 10.69
N LEU A 195 -2.67 0.47 10.94
CA LEU A 195 -1.77 -0.70 11.17
C LEU A 195 -2.13 -1.34 12.52
N ALA A 196 -2.39 -0.51 13.52
CA ALA A 196 -2.83 -0.93 14.87
C ALA A 196 -4.08 -1.81 14.76
N VAL A 197 -5.06 -1.37 13.98
CA VAL A 197 -6.33 -2.13 13.78
C VAL A 197 -6.01 -3.46 13.08
N ALA A 198 -5.07 -3.45 12.12
CA ALA A 198 -4.62 -4.68 11.39
C ALA A 198 -3.82 -5.61 12.33
N GLU A 199 -2.94 -5.05 13.18
CA GLU A 199 -2.21 -5.84 14.22
C GLU A 199 -3.24 -6.60 15.10
N ALA A 200 -4.23 -5.87 15.61
CA ALA A 200 -5.22 -6.36 16.58
C ALA A 200 -6.08 -7.45 15.94
N SER A 201 -6.44 -7.28 14.69
CA SER A 201 -7.43 -8.12 13.97
C SER A 201 -6.76 -9.38 13.42
N LEU A 202 -5.51 -9.26 12.95
CA LEU A 202 -4.95 -10.12 11.90
C LEU A 202 -3.46 -10.36 12.15
N ARG A 203 -2.91 -9.77 13.20
CA ARG A 203 -1.45 -9.83 13.47
C ARG A 203 -0.73 -9.51 12.17
N PHE A 204 -0.99 -8.31 11.66
CA PHE A 204 -0.58 -7.82 10.32
C PHE A 204 0.76 -7.07 10.40
N GLU A 205 1.66 -7.37 9.49
CA GLU A 205 2.80 -6.49 9.08
C GLU A 205 2.71 -6.24 7.58
N HIS A 206 2.75 -4.98 7.17
CA HIS A 206 2.85 -4.57 5.75
C HIS A 206 4.19 -5.03 5.16
N ARG A 207 5.30 -4.59 5.77
CA ARG A 207 6.68 -5.11 5.55
C ARG A 207 7.33 -4.41 4.36
N ASP A 208 6.66 -3.44 3.74
CA ASP A 208 7.14 -2.78 2.51
C ASP A 208 6.40 -1.47 2.30
N LEU A 209 6.24 -0.68 3.34
CA LEU A 209 5.36 0.51 3.34
C LEU A 209 6.19 1.74 3.01
N HIS A 210 6.82 1.75 1.82
CA HIS A 210 7.54 2.92 1.27
C HIS A 210 6.51 3.94 0.86
N TRP A 211 6.93 5.17 0.60
CA TRP A 211 6.00 6.31 0.39
C TRP A 211 5.30 6.15 -0.97
N GLY A 212 5.70 5.15 -1.74
CA GLY A 212 4.94 4.71 -2.93
C GLY A 212 3.63 4.03 -2.54
N ASN A 213 3.56 3.48 -1.32
CA ASN A 213 2.47 2.60 -0.88
C ASN A 213 1.54 3.35 0.10
N VAL A 214 1.58 4.68 0.09
CA VAL A 214 0.64 5.54 0.86
C VAL A 214 -0.07 6.46 -0.13
N LEU A 215 -1.34 6.19 -0.42
CA LEU A 215 -2.16 6.99 -1.36
C LEU A 215 -2.98 7.97 -0.57
N LEU A 216 -3.27 9.13 -1.15
CA LEU A 216 -4.03 10.23 -0.51
C LEU A 216 -5.10 10.72 -1.46
N LYS A 217 -6.14 11.30 -0.91
CA LYS A 217 -7.45 11.44 -1.56
C LYS A 217 -8.25 12.47 -0.80
N LYS A 218 -8.63 13.56 -1.46
CA LYS A 218 -9.53 14.58 -0.89
C LYS A 218 -10.74 13.88 -0.27
N THR A 219 -11.15 14.30 0.92
CA THR A 219 -12.44 13.91 1.54
C THR A 219 -13.09 15.16 2.09
N SER A 220 -14.42 15.19 2.12
CA SER A 220 -15.24 16.24 2.77
C SER A 220 -15.30 15.99 4.26
N LEU A 221 -15.08 14.74 4.68
CA LEU A 221 -15.19 14.33 6.11
C LEU A 221 -14.14 15.09 6.91
N LYS A 222 -14.54 15.69 8.02
CA LYS A 222 -13.63 16.46 8.90
C LYS A 222 -13.02 15.50 9.92
N LYS A 223 -13.78 14.53 10.40
CA LYS A 223 -13.31 13.45 11.30
C LYS A 223 -13.38 12.11 10.58
N LEU A 224 -12.30 11.33 10.66
CA LEU A 224 -12.29 9.92 10.23
C LEU A 224 -12.38 9.02 11.45
N HIS A 225 -12.96 7.83 11.28
CA HIS A 225 -13.39 6.89 12.34
C HIS A 225 -12.60 5.58 12.22
N TYR A 226 -12.15 5.05 13.33
CA TYR A 226 -11.65 3.67 13.45
C TYR A 226 -12.12 3.10 14.78
N THR A 227 -12.17 1.78 14.87
CA THR A 227 -12.42 1.03 16.13
C THR A 227 -11.25 0.09 16.35
N LEU A 228 -10.68 0.12 17.54
CA LEU A 228 -9.55 -0.74 17.96
C LEU A 228 -9.97 -1.51 19.17
N ASN A 229 -10.08 -2.83 19.05
CA ASN A 229 -10.45 -3.74 20.16
C ASN A 229 -11.71 -3.19 20.87
N GLY A 230 -12.68 -2.74 20.11
CA GLY A 230 -13.99 -2.32 20.61
C GLY A 230 -14.06 -0.85 20.94
N LYS A 231 -12.92 -0.15 21.08
CA LYS A 231 -12.88 1.31 21.43
C LYS A 231 -12.78 2.14 20.14
N SER A 232 -13.79 2.97 19.90
CA SER A 232 -13.95 3.86 18.72
C SER A 232 -13.32 5.22 19.01
N SER A 233 -12.56 5.72 18.08
CA SER A 233 -12.02 7.11 18.14
CA SER A 233 -11.94 7.07 18.13
C SER A 233 -12.04 7.70 16.75
N THR A 234 -11.64 8.97 16.65
CA THR A 234 -11.68 9.76 15.41
C THR A 234 -10.30 10.39 15.20
N ILE A 235 -10.00 10.75 13.96
CA ILE A 235 -8.79 11.46 13.55
C ILE A 235 -9.22 12.62 12.64
N PRO A 236 -8.83 13.87 12.96
CA PRO A 236 -8.98 14.97 12.01
C PRO A 236 -8.24 14.70 10.69
N SER A 237 -8.98 14.78 9.58
CA SER A 237 -8.53 14.39 8.21
C SER A 237 -7.55 15.42 7.65
N CYS A 238 -7.74 16.70 8.02
CA CYS A 238 -7.25 17.86 7.22
C CYS A 238 -7.71 17.68 5.76
N GLY A 239 -8.89 17.07 5.58
CA GLY A 239 -9.50 16.79 4.26
C GLY A 239 -8.65 15.86 3.39
N LEU A 240 -7.93 14.92 3.99
CA LEU A 240 -7.24 13.83 3.25
C LEU A 240 -7.58 12.47 3.86
N GLN A 241 -7.68 11.47 2.99
CA GLN A 241 -8.02 10.08 3.33
C GLN A 241 -6.87 9.21 2.86
N VAL A 242 -6.13 8.65 3.80
CA VAL A 242 -4.98 7.77 3.54
C VAL A 242 -5.52 6.40 3.15
N SER A 243 -4.86 5.76 2.21
CA SER A 243 -5.08 4.36 1.83
C SER A 243 -3.74 3.70 1.70
N ILE A 244 -3.47 2.71 2.55
CA ILE A 244 -2.28 1.85 2.46
C ILE A 244 -2.54 0.79 1.38
N ILE A 245 -1.59 0.63 0.45
CA ILE A 245 -1.69 -0.33 -0.70
C ILE A 245 -0.51 -1.30 -0.68
N ASP A 246 -0.65 -2.38 -1.45
CA ASP A 246 0.44 -3.23 -1.98
C ASP A 246 0.94 -4.13 -0.87
N TYR A 247 0.41 -5.35 -0.83
CA TYR A 247 0.51 -6.29 0.30
C TYR A 247 1.39 -7.43 -0.16
N THR A 248 2.35 -7.11 -1.00
CA THR A 248 3.18 -8.05 -1.77
C THR A 248 4.11 -8.78 -0.80
N LEU A 249 4.61 -8.08 0.24
CA LEU A 249 5.61 -8.61 1.23
C LEU A 249 4.92 -8.88 2.58
N SER A 250 3.63 -8.63 2.65
CA SER A 250 2.84 -8.52 3.90
C SER A 250 2.65 -9.90 4.55
N ARG A 251 2.30 -9.90 5.83
CA ARG A 251 2.06 -11.12 6.65
C ARG A 251 0.84 -10.88 7.53
N LEU A 252 0.05 -11.93 7.78
CA LEU A 252 -1.03 -11.94 8.79
C LEU A 252 -1.49 -13.38 9.05
N GLU A 253 -2.37 -13.57 10.02
CA GLU A 253 -2.87 -14.92 10.39
C GLU A 253 -4.31 -14.84 10.88
N ARG A 254 -5.14 -15.81 10.49
CA ARG A 254 -6.41 -16.14 11.15
C ARG A 254 -6.33 -17.59 11.66
N ASP A 255 -6.70 -17.79 12.93
CA ASP A 255 -6.74 -19.11 13.59
C ASP A 255 -5.51 -19.91 13.16
N GLY A 256 -4.32 -19.33 13.36
CA GLY A 256 -3.02 -20.02 13.34
C GLY A 256 -2.58 -20.38 11.92
N ILE A 257 -3.29 -19.89 10.90
CA ILE A 257 -2.84 -19.99 9.49
C ILE A 257 -2.16 -18.68 9.13
N VAL A 258 -0.87 -18.74 8.85
CA VAL A 258 -0.01 -17.55 8.54
C VAL A 258 0.11 -17.44 7.03
N VAL A 259 -0.21 -16.27 6.50
CA VAL A 259 -0.06 -15.90 5.08
C VAL A 259 1.03 -14.86 5.00
N PHE A 260 2.06 -15.09 4.22
CA PHE A 260 3.24 -14.23 4.17
C PHE A 260 3.99 -14.44 2.87
N CYS A 261 5.01 -13.64 2.68
CA CYS A 261 6.06 -13.82 1.68
C CYS A 261 7.35 -14.25 2.38
N ASP A 262 7.73 -15.53 2.24
CA ASP A 262 9.05 -16.07 2.70
C ASP A 262 10.14 -15.49 1.82
N VAL A 263 11.02 -14.69 2.40
CA VAL A 263 12.14 -14.00 1.68
C VAL A 263 13.43 -14.26 2.45
N SER A 264 13.51 -15.39 3.17
CA SER A 264 14.72 -15.86 3.87
C SER A 264 15.83 -16.17 2.86
N MET A 265 15.46 -16.56 1.63
CA MET A 265 16.40 -17.03 0.56
C MET A 265 16.50 -15.96 -0.54
N ASP A 266 16.57 -14.68 -0.15
CA ASP A 266 16.65 -13.53 -1.08
C ASP A 266 17.86 -12.68 -0.72
N GLU A 267 18.54 -12.11 -1.73
CA GLU A 267 19.74 -11.22 -1.56
C GLU A 267 19.36 -9.77 -1.83
N ASP A 268 18.81 -9.49 -3.02
CA ASP A 268 18.72 -8.14 -3.64
C ASP A 268 18.01 -7.16 -2.70
N LEU A 269 16.97 -7.64 -1.99
CA LEU A 269 16.09 -6.88 -1.07
C LEU A 269 16.90 -6.22 0.07
N PHE A 270 17.87 -6.95 0.63
CA PHE A 270 18.66 -6.55 1.81
C PHE A 270 19.99 -5.87 1.39
N THR A 271 20.28 -5.82 0.08
CA THR A 271 21.56 -5.29 -0.49
C THR A 271 21.40 -3.82 -0.92
N GLY A 272 20.17 -3.37 -1.21
CA GLY A 272 19.88 -2.02 -1.73
C GLY A 272 20.56 -0.95 -0.88
N ASP A 273 20.63 0.29 -1.37
CA ASP A 273 20.92 1.49 -0.55
C ASP A 273 20.71 2.75 -1.40
N GLY A 274 21.10 3.91 -0.85
CA GLY A 274 20.73 5.25 -1.35
C GLY A 274 19.63 5.89 -0.51
N ASP A 275 18.74 5.07 0.07
CA ASP A 275 17.51 5.51 0.76
C ASP A 275 17.44 4.80 2.11
N TYR A 276 16.82 5.43 3.12
CA TYR A 276 16.54 4.84 4.45
C TYR A 276 15.67 3.58 4.28
N GLN A 277 14.92 3.53 3.17
CA GLN A 277 14.03 2.39 2.83
C GLN A 277 14.79 1.08 2.93
N PHE A 278 16.02 1.01 2.36
CA PHE A 278 16.74 -0.27 2.13
C PHE A 278 17.42 -0.72 3.43
N ASP A 279 17.55 0.19 4.38
CA ASP A 279 17.91 -0.15 5.79
C ASP A 279 16.75 -0.92 6.46
N ILE A 280 15.49 -0.57 6.15
CA ILE A 280 14.29 -1.10 6.88
C ILE A 280 14.19 -2.61 6.61
N TYR A 281 14.52 -3.06 5.39
CA TYR A 281 14.61 -4.49 5.02
C TYR A 281 15.64 -5.18 5.93
N ARG A 282 16.85 -4.63 6.00
CA ARG A 282 17.95 -5.18 6.84
C ARG A 282 17.49 -5.19 8.30
N LEU A 283 16.84 -4.11 8.74
CA LEU A 283 16.40 -3.92 10.15
C LEU A 283 15.25 -4.91 10.51
N MET A 284 14.44 -5.29 9.51
CA MET A 284 13.35 -6.28 9.68
C MET A 284 13.94 -7.68 9.86
N LYS A 285 14.85 -8.08 8.95
CA LYS A 285 15.63 -9.36 9.01
C LYS A 285 16.32 -9.49 10.37
N LYS A 286 16.93 -8.41 10.87
CA LYS A 286 17.63 -8.40 12.19
C LYS A 286 16.61 -8.66 13.29
N GLU A 287 15.43 -8.01 13.21
CA GLU A 287 14.35 -8.05 14.23
C GLU A 287 13.70 -9.45 14.25
N ASN A 288 13.53 -10.10 13.08
CA ASN A 288 12.75 -11.36 12.96
C ASN A 288 13.71 -12.55 12.78
N ASN A 289 15.03 -12.31 12.83
CA ASN A 289 16.08 -13.37 12.69
C ASN A 289 15.89 -14.13 11.35
N ASN A 290 15.36 -13.46 10.34
CA ASN A 290 15.17 -14.02 8.97
C ASN A 290 14.09 -15.13 9.00
N ARG A 291 13.31 -15.21 10.09
CA ARG A 291 12.13 -16.13 10.22
C ARG A 291 10.83 -15.33 9.99
N TRP A 292 10.30 -15.37 8.76
CA TRP A 292 9.33 -14.38 8.23
C TRP A 292 7.89 -14.81 8.49
N GLY A 293 7.69 -16.04 8.95
CA GLY A 293 6.39 -16.54 9.39
C GLY A 293 6.03 -16.00 10.76
N GLU A 294 7.04 -15.64 11.56
CA GLU A 294 6.86 -15.08 12.91
C GLU A 294 6.17 -13.72 12.82
N TYR A 295 5.44 -13.35 13.86
CA TYR A 295 4.81 -12.01 14.05
C TYR A 295 5.80 -11.08 14.76
N HIS A 296 6.32 -10.08 14.05
CA HIS A 296 7.18 -9.00 14.58
C HIS A 296 6.54 -7.66 14.24
N PRO A 297 5.49 -7.26 15.01
CA PRO A 297 4.76 -6.03 14.73
C PRO A 297 5.67 -4.80 14.77
N TYR A 298 6.90 -4.99 15.25
CA TYR A 298 7.91 -3.92 15.30
C TYR A 298 8.22 -3.41 13.90
N SER A 299 8.11 -4.30 12.89
CA SER A 299 8.32 -3.97 11.45
C SER A 299 7.45 -2.78 11.04
N ASN A 300 6.23 -2.69 11.62
CA ASN A 300 5.26 -1.61 11.35
C ASN A 300 5.83 -0.29 11.91
N VAL A 301 6.47 -0.35 13.08
CA VAL A 301 7.09 0.83 13.73
C VAL A 301 8.22 1.33 12.82
N LEU A 302 9.09 0.42 12.37
CA LEU A 302 10.20 0.74 11.44
C LEU A 302 9.65 1.54 10.25
N TRP A 303 8.61 1.04 9.58
CA TRP A 303 8.04 1.72 8.38
C TRP A 303 7.47 3.08 8.78
N LEU A 304 6.76 3.17 9.92
CA LEU A 304 6.18 4.44 10.37
C LEU A 304 7.30 5.44 10.65
N HIS A 305 8.42 4.99 11.22
CA HIS A 305 9.65 5.80 11.43
C HIS A 305 10.15 6.31 10.06
N TYR A 306 10.35 5.39 9.14
CA TYR A 306 10.80 5.68 7.78
C TYR A 306 9.86 6.74 7.18
N LEU A 307 8.57 6.60 7.39
CA LEU A 307 7.57 7.53 6.81
C LEU A 307 7.73 8.86 7.50
N THR A 308 7.82 8.85 8.83
CA THR A 308 8.04 10.05 9.66
C THR A 308 9.33 10.74 9.22
N ASP A 309 10.35 9.95 8.92
CA ASP A 309 11.65 10.45 8.42
C ASP A 309 11.41 11.20 7.12
N LYS A 310 10.74 10.55 6.15
CA LYS A 310 10.40 11.15 4.83
C LYS A 310 9.65 12.47 5.03
N MET A 311 8.77 12.53 6.03
CA MET A 311 7.96 13.73 6.36
C MET A 311 8.89 14.90 6.75
N LEU A 312 9.98 14.62 7.49
CA LEU A 312 10.83 15.66 8.14
C LEU A 312 12.04 16.04 7.26
N LYS A 313 12.32 15.28 6.20
CA LYS A 313 13.58 15.41 5.44
C LYS A 313 13.27 15.58 3.95
N GLN A 314 12.76 14.53 3.31
CA GLN A 314 12.64 14.44 1.83
C GLN A 314 11.28 14.98 1.38
N MET A 315 10.44 15.39 2.32
CA MET A 315 9.14 16.05 2.03
C MET A 315 9.33 17.56 2.23
N THR A 316 8.61 18.35 1.45
CA THR A 316 8.68 19.82 1.43
C THR A 316 7.27 20.35 1.14
N PHE A 317 6.81 21.27 1.96
CA PHE A 317 5.38 21.65 2.10
C PHE A 317 5.17 23.01 1.45
N LYS A 318 3.93 23.33 1.09
CA LYS A 318 3.53 24.59 0.41
C LYS A 318 3.64 25.75 1.43
N THR A 319 3.02 25.57 2.61
CA THR A 319 3.21 26.43 3.81
C THR A 319 4.16 25.74 4.79
N LYS A 320 5.31 26.38 5.07
CA LYS A 320 6.26 25.98 6.16
C LYS A 320 5.62 26.30 7.53
N CYS A 321 6.35 26.07 8.61
CA CYS A 321 5.88 26.23 10.01
C CYS A 321 6.29 27.59 10.54
N ASN A 322 5.52 28.64 10.22
CA ASN A 322 5.81 30.06 10.56
C ASN A 322 5.20 30.39 11.94
N THR A 323 3.95 29.95 12.19
CA THR A 323 3.08 30.44 13.30
C THR A 323 3.24 29.55 14.54
N PRO A 324 2.91 30.07 15.74
CA PRO A 324 3.23 29.39 17.01
C PRO A 324 2.76 27.93 17.08
N ALA A 325 1.45 27.70 17.00
CA ALA A 325 0.78 26.40 17.31
C ALA A 325 1.15 25.35 16.25
N MET A 326 1.64 25.79 15.09
CA MET A 326 2.10 24.91 13.97
C MET A 326 3.49 24.37 14.30
N LYS A 327 4.31 25.15 14.98
CA LYS A 327 5.68 24.73 15.38
C LYS A 327 5.59 23.77 16.57
N GLN A 328 4.48 23.83 17.34
CA GLN A 328 4.19 22.87 18.45
C GLN A 328 3.80 21.50 17.85
N ILE A 329 3.15 21.50 16.69
CA ILE A 329 2.90 20.28 15.90
C ILE A 329 4.25 19.74 15.41
N LYS A 330 5.12 20.61 14.88
CA LYS A 330 6.43 20.23 14.27
C LYS A 330 7.33 19.60 15.33
N ARG A 331 7.32 20.12 16.56
CA ARG A 331 8.16 19.59 17.65
C ARG A 331 7.66 18.19 17.98
N LYS A 332 6.35 18.03 18.07
CA LYS A 332 5.71 16.77 18.52
C LYS A 332 6.02 15.66 17.51
N ILE A 333 6.18 16.01 16.24
CA ILE A 333 6.57 15.05 15.16
C ILE A 333 8.06 14.73 15.28
N GLN A 334 8.90 15.74 15.48
CA GLN A 334 10.37 15.55 15.70
C GLN A 334 10.55 14.69 16.95
N GLU A 335 9.74 14.95 17.96
CA GLU A 335 9.68 14.17 19.23
C GLU A 335 9.22 12.73 18.88
N PHE A 336 8.30 12.60 17.94
CA PHE A 336 7.78 11.30 17.42
C PHE A 336 8.92 10.56 16.73
N HIS A 337 9.62 11.22 15.80
CA HIS A 337 10.77 10.66 15.04
C HIS A 337 11.81 10.14 16.02
N ARG A 338 11.95 10.83 17.14
CA ARG A 338 13.06 10.73 18.11
C ARG A 338 12.78 9.57 19.10
N THR A 339 11.52 9.19 19.25
CA THR A 339 11.05 8.32 20.37
C THR A 339 10.36 7.06 19.84
N MET A 340 9.74 7.12 18.68
CA MET A 340 8.80 6.09 18.21
C MET A 340 9.50 4.72 18.09
N LEU A 341 10.81 4.66 17.84
CA LEU A 341 11.57 3.39 17.66
C LEU A 341 11.67 2.64 18.99
N ASN A 342 11.19 3.22 20.10
CA ASN A 342 11.16 2.57 21.43
C ASN A 342 9.77 2.02 21.71
N PHE A 343 8.93 1.89 20.68
CA PHE A 343 7.59 1.28 20.78
C PHE A 343 7.60 -0.03 20.04
N SER A 344 6.85 -1.00 20.55
CA SER A 344 6.97 -2.41 20.18
C SER A 344 6.02 -2.74 19.02
N SER A 345 5.09 -1.82 18.68
CA SER A 345 3.97 -2.06 17.71
C SER A 345 3.31 -0.74 17.34
N ALA A 346 2.59 -0.72 16.22
CA ALA A 346 1.70 0.40 15.87
C ALA A 346 0.65 0.55 16.96
N THR A 347 0.13 -0.57 17.47
CA THR A 347 -0.84 -0.61 18.60
C THR A 347 -0.24 0.15 19.80
N ASP A 348 0.98 -0.21 20.19
CA ASP A 348 1.74 0.45 21.30
C ASP A 348 1.83 1.95 21.02
N LEU A 349 2.23 2.33 19.81
CA LEU A 349 2.36 3.76 19.37
C LEU A 349 1.02 4.47 19.54
N LEU A 350 -0.02 3.96 18.91
CA LEU A 350 -1.35 4.63 18.87
C LEU A 350 -1.85 4.87 20.29
N CYS A 351 -1.66 3.90 21.18
CA CYS A 351 -2.28 3.87 22.53
C CYS A 351 -1.44 4.69 23.53
N GLN A 352 -0.11 4.68 23.42
CA GLN A 352 0.78 5.18 24.51
CA GLN A 352 0.81 5.17 24.50
C GLN A 352 1.51 6.47 24.08
N HIS A 353 1.58 6.78 22.78
CA HIS A 353 2.42 7.91 22.31
C HIS A 353 1.67 9.23 22.47
N SER A 354 2.41 10.26 22.90
CA SER A 354 1.93 11.62 23.22
C SER A 354 1.48 12.34 21.94
N LEU A 355 1.99 11.96 20.79
CA LEU A 355 1.61 12.58 19.49
C LEU A 355 0.09 12.46 19.29
N PHE A 356 -0.52 11.38 19.78
CA PHE A 356 -1.93 10.99 19.48
C PHE A 356 -2.83 11.27 20.69
N LYS A 357 -2.30 11.95 21.70
CA LYS A 357 -3.07 12.35 22.89
C LYS A 357 -3.53 13.80 22.69
NA NA B . -8.83 3.89 2.05
N1 A1IDB C . -5.78 3.53 -6.41
C2 A1IDB C . -3.72 2.93 -7.04
N3 A1IDB C . 2.22 1.85 -8.94
C4 A1IDB C . -3.58 0.60 -6.12
C5 A1IDB C . -4.16 -0.41 -5.35
C6 A1IDB C . -3.44 -1.55 -5.06
C A1IDB C . -4.54 5.22 -7.66
N A1IDB C . -4.64 3.90 -7.05
C3 A1IDB C . -4.25 1.87 -6.38
C1 A1IDB C . -5.53 2.30 -6.00
N2 A1IDB C . -2.34 0.50 -6.63
C7 A1IDB C . -1.62 -0.60 -6.33
C10 A1IDB C . -0.23 -0.88 -6.72
C9 A1IDB C . 0.18 -2.10 -6.26
S A1IDB C . -1.01 -2.94 -5.34
C8 A1IDB C . -2.15 -1.65 -5.55
C11 A1IDB C . 0.65 0.09 -7.45
C15 A1IDB C . 0.20 1.37 -7.75
C14 A1IDB C . 1.01 2.19 -8.50
C13 A1IDB C . 2.65 0.62 -8.63
C12 A1IDB C . 1.91 -0.29 -7.89
#